data_2I99
#
_entry.id   2I99
#
_cell.length_a   70.980
_cell.length_b   90.860
_cell.length_c   101.183
_cell.angle_alpha   90.000
_cell.angle_beta   90.000
_cell.angle_gamma   90.000
#
_symmetry.space_group_name_H-M   'P 21 21 21'
#
loop_
_entity.id
_entity.type
_entity.pdbx_description
1 polymer 'Mu-crystallin homolog'
2 non-polymer 'NADPH DIHYDRO-NICOTINAMIDE-ADENINE-DINUCLEOTIDE PHOSPHATE'
3 water water
#
_entity_poly.entity_id   1
_entity_poly.type   'polypeptide(L)'
_entity_poly.pdbx_seq_one_letter_code
;SRVPAFLSAAEVEEHLRSSSLLIPPLETALANFSSGPEGGVMQPVRTVVPVTKHRGYLGVMPAYSAAEDALTTKLVTFYE
DRGITSVVPSHQATVLLFEPSNGTLLAVMDGNVITAKRTAAVSAIATKFLKPPSSEVLCILGAGVQAYSHYEIFTEQFSF
KEVRIWNRTKENAEKFADTVQGEVRVCSSVQEAVAGADVIITVTLATEPILFGEWVKPGAHINAVGASRPDWRELDDELM
KEAVLYVDSQEAALKESGDVLLSGAEIFAELGEVIKGVKPAHCEKTTVFKSLGMAVEDTVAAKLIYDSWSSG
;
_entity_poly.pdbx_strand_id   A,B
#
# COMPACT_ATOMS: atom_id res chain seq x y z
N SER A 1 -13.68 9.42 17.56
CA SER A 1 -12.82 9.68 16.38
C SER A 1 -13.46 10.69 15.43
N ARG A 2 -12.68 11.15 14.45
CA ARG A 2 -13.12 12.13 13.46
C ARG A 2 -13.58 11.52 12.15
N VAL A 3 -14.63 12.11 11.55
CA VAL A 3 -15.09 11.62 10.26
C VAL A 3 -14.12 12.30 9.29
N PRO A 4 -13.53 11.54 8.36
CA PRO A 4 -12.58 12.13 7.41
C PRO A 4 -13.24 13.15 6.50
N ALA A 5 -12.52 14.22 6.19
CA ALA A 5 -13.01 15.26 5.31
C ALA A 5 -12.79 14.77 3.88
N PHE A 6 -13.64 15.18 2.96
CA PHE A 6 -13.47 14.79 1.58
C PHE A 6 -13.20 16.04 0.74
N LEU A 7 -12.07 16.03 0.02
CA LEU A 7 -11.72 17.16 -0.83
C LEU A 7 -11.87 16.77 -2.29
N SER A 8 -12.83 17.41 -2.97
CA SER A 8 -13.09 17.13 -4.36
C SER A 8 -11.93 17.59 -5.23
N ALA A 9 -11.93 17.13 -6.48
CA ALA A 9 -10.87 17.50 -7.40
C ALA A 9 -10.86 19.02 -7.53
N ALA A 10 -12.04 19.63 -7.54
CA ALA A 10 -12.15 21.07 -7.67
C ALA A 10 -11.60 21.78 -6.45
N GLU A 11 -11.83 21.21 -5.28
CA GLU A 11 -11.34 21.83 -4.06
C GLU A 11 -9.82 21.74 -3.98
N VAL A 12 -9.25 20.70 -4.62
CA VAL A 12 -7.80 20.52 -4.62
C VAL A 12 -7.17 21.55 -5.57
N GLU A 13 -7.85 21.81 -6.68
CA GLU A 13 -7.39 22.79 -7.66
C GLU A 13 -7.40 24.18 -7.02
N GLU A 14 -8.37 24.41 -6.14
CA GLU A 14 -8.49 25.69 -5.45
C GLU A 14 -7.41 25.92 -4.42
N HIS A 15 -7.00 24.86 -3.72
CA HIS A 15 -5.96 24.99 -2.71
C HIS A 15 -4.56 24.66 -3.20
N LEU A 16 -4.47 24.26 -4.46
CA LEU A 16 -3.19 23.92 -5.08
C LEU A 16 -3.23 24.41 -6.52
N ARG A 17 -2.61 25.55 -6.77
CA ARG A 17 -2.55 26.09 -8.12
C ARG A 17 -1.59 26.69 -9.13
N SER A 18 -0.34 26.23 -9.10
CA SER A 18 0.67 26.73 -10.04
C SER A 18 1.48 25.53 -9.56
N SER A 19 1.71 24.59 -10.46
CA SER A 19 2.51 23.42 -10.11
C SER A 19 3.92 23.94 -9.84
N SER A 20 4.17 25.15 -10.32
CA SER A 20 5.46 25.80 -10.16
C SER A 20 5.79 26.05 -8.70
N LEU A 21 4.76 26.26 -7.89
CA LEU A 21 5.00 26.50 -6.47
C LEU A 21 5.35 25.23 -5.70
N LEU A 22 5.16 24.08 -6.34
CA LEU A 22 5.48 22.81 -5.74
C LEU A 22 6.98 22.52 -5.83
N ILE A 23 7.63 23.17 -6.80
CA ILE A 23 9.05 22.96 -7.02
C ILE A 23 9.96 23.03 -5.80
N PRO A 24 9.86 24.12 -5.01
CA PRO A 24 10.74 24.18 -3.84
C PRO A 24 10.53 23.05 -2.84
N PRO A 25 9.29 22.88 -2.37
CA PRO A 25 9.03 21.79 -1.42
C PRO A 25 9.39 20.43 -1.99
N LEU A 26 9.25 20.29 -3.30
CA LEU A 26 9.58 19.03 -3.97
C LEU A 26 11.07 18.81 -4.05
N GLU A 27 11.84 19.86 -4.28
CA GLU A 27 13.27 19.69 -4.35
C GLU A 27 13.78 19.26 -2.98
N THR A 28 13.14 19.79 -1.94
CA THR A 28 13.48 19.48 -0.58
C THR A 28 13.22 17.99 -0.33
N ALA A 29 12.00 17.56 -0.67
CA ALA A 29 11.60 16.17 -0.48
C ALA A 29 12.52 15.20 -1.22
N LEU A 30 12.81 15.50 -2.49
CA LEU A 30 13.70 14.67 -3.29
C LEU A 30 15.09 14.60 -2.67
N ALA A 31 15.59 15.71 -2.14
CA ALA A 31 16.91 15.73 -1.53
C ALA A 31 16.87 14.92 -0.22
N ASN A 32 15.81 15.14 0.57
CA ASN A 32 15.66 14.43 1.82
C ASN A 32 15.54 12.94 1.57
N PHE A 33 14.76 12.58 0.56
CA PHE A 33 14.59 11.17 0.24
C PHE A 33 15.91 10.49 -0.08
N SER A 34 16.78 11.20 -0.79
CA SER A 34 18.05 10.66 -1.20
C SER A 34 19.18 10.86 -0.18
N SER A 35 18.89 11.53 0.94
CA SER A 35 19.92 11.74 1.95
C SER A 35 19.81 10.66 3.01
N GLY A 36 19.29 9.50 2.60
CA GLY A 36 19.14 8.38 3.51
C GLY A 36 18.28 8.68 4.71
N PRO A 37 18.47 7.92 5.81
CA PRO A 37 17.74 8.05 7.08
C PRO A 37 17.71 9.46 7.67
N GLU A 38 18.84 10.17 7.57
CA GLU A 38 18.92 11.52 8.08
C GLU A 38 17.88 12.40 7.40
N GLY A 39 17.49 12.01 6.20
CA GLY A 39 16.51 12.77 5.44
C GLY A 39 15.12 12.83 6.05
N GLY A 40 14.82 11.89 6.95
CA GLY A 40 13.54 11.87 7.60
C GLY A 40 12.38 11.26 6.83
N VAL A 41 12.64 10.82 5.60
CA VAL A 41 11.59 10.25 4.78
C VAL A 41 11.57 8.73 4.78
N MET A 42 10.47 8.14 5.24
CA MET A 42 10.34 6.70 5.27
C MET A 42 9.43 6.34 4.11
N GLN A 43 10.02 5.94 3.00
CA GLN A 43 9.25 5.61 1.82
C GLN A 43 9.60 4.23 1.26
N PRO A 44 8.75 3.23 1.53
CA PRO A 44 9.05 1.90 0.99
C PRO A 44 8.66 1.97 -0.48
N VAL A 45 9.25 1.11 -1.31
CA VAL A 45 8.95 1.12 -2.72
C VAL A 45 7.47 0.83 -2.97
N ARG A 46 6.92 1.47 -3.99
CA ARG A 46 5.53 1.35 -4.40
C ARG A 46 5.16 -0.12 -4.58
N THR A 47 3.93 -0.50 -4.19
CA THR A 47 3.52 -1.88 -4.42
C THR A 47 2.39 -1.83 -5.42
N VAL A 48 2.42 -2.76 -6.36
CA VAL A 48 1.41 -2.77 -7.38
C VAL A 48 0.67 -4.08 -7.41
N VAL A 49 -0.66 -3.99 -7.47
CA VAL A 49 -1.48 -5.17 -7.55
C VAL A 49 -2.04 -5.25 -8.95
N PRO A 50 -1.55 -6.20 -9.75
CA PRO A 50 -2.09 -6.32 -11.10
C PRO A 50 -3.50 -6.90 -11.08
N VAL A 51 -4.46 -6.19 -11.67
CA VAL A 51 -5.81 -6.72 -11.73
C VAL A 51 -5.95 -7.29 -13.15
N THR A 52 -5.27 -8.40 -13.33
CA THR A 52 -5.18 -9.15 -14.56
C THR A 52 -6.42 -9.34 -15.44
N LYS A 53 -7.57 -9.68 -14.85
CA LYS A 53 -8.76 -9.91 -15.68
C LYS A 53 -9.39 -8.64 -16.23
N HIS A 54 -8.92 -7.49 -15.78
CA HIS A 54 -9.42 -6.21 -16.26
C HIS A 54 -8.29 -5.43 -16.93
N ARG A 55 -7.13 -6.06 -17.07
CA ARG A 55 -5.96 -5.43 -17.67
C ARG A 55 -5.66 -4.09 -16.99
N GLY A 56 -5.66 -4.09 -15.67
CA GLY A 56 -5.40 -2.85 -14.94
C GLY A 56 -4.41 -3.09 -13.82
N TYR A 57 -4.12 -2.04 -13.07
CA TYR A 57 -3.17 -2.13 -11.96
C TYR A 57 -3.58 -1.22 -10.82
N LEU A 58 -3.39 -1.69 -9.59
CA LEU A 58 -3.68 -0.87 -8.42
C LEU A 58 -2.33 -0.60 -7.77
N GLY A 59 -1.98 0.67 -7.63
CA GLY A 59 -0.71 1.03 -7.02
C GLY A 59 -0.91 1.75 -5.70
N VAL A 60 -0.14 1.32 -4.70
CA VAL A 60 -0.22 1.91 -3.38
C VAL A 60 1.10 2.61 -3.08
N MET A 61 1.02 3.88 -2.70
CA MET A 61 2.20 4.69 -2.43
C MET A 61 2.18 5.40 -1.08
N PRO A 62 2.54 4.69 0.00
CA PRO A 62 2.56 5.25 1.35
C PRO A 62 3.89 5.88 1.71
N ALA A 63 3.86 6.93 2.53
CA ALA A 63 5.09 7.56 2.96
C ALA A 63 4.91 8.45 4.17
N TYR A 64 5.99 8.56 4.93
CA TYR A 64 6.03 9.42 6.09
C TYR A 64 7.25 10.30 5.90
N SER A 65 7.07 11.60 6.12
CA SER A 65 8.17 12.54 5.98
C SER A 65 8.21 13.37 7.25
N ALA A 66 9.24 13.16 8.05
CA ALA A 66 9.37 13.87 9.32
C ALA A 66 9.57 15.37 9.15
N ALA A 67 10.40 15.77 8.19
CA ALA A 67 10.64 17.20 7.97
C ALA A 67 9.36 18.03 8.08
N GLU A 68 8.37 17.69 7.27
CA GLU A 68 7.10 18.41 7.27
C GLU A 68 6.07 17.67 8.11
N ASP A 69 6.51 16.61 8.78
CA ASP A 69 5.64 15.80 9.63
C ASP A 69 4.31 15.48 8.96
N ALA A 70 4.38 14.76 7.84
CA ALA A 70 3.18 14.38 7.10
C ALA A 70 3.17 12.88 6.83
N LEU A 71 2.00 12.27 7.00
CA LEU A 71 1.82 10.84 6.80
C LEU A 71 0.67 10.63 5.81
N THR A 72 0.98 10.19 4.60
CA THR A 72 -0.04 9.98 3.58
C THR A 72 0.14 8.67 2.85
N THR A 73 -0.78 8.40 1.94
CA THR A 73 -0.74 7.22 1.10
C THR A 73 -1.55 7.55 -0.14
N LYS A 74 -0.95 7.41 -1.32
CA LYS A 74 -1.71 7.64 -2.54
C LYS A 74 -2.03 6.29 -3.17
N LEU A 75 -3.27 6.13 -3.62
CA LEU A 75 -3.68 4.90 -4.27
C LEU A 75 -4.03 5.25 -5.71
N VAL A 76 -3.41 4.53 -6.64
CA VAL A 76 -3.62 4.78 -8.05
C VAL A 76 -4.11 3.58 -8.85
N THR A 77 -4.93 3.84 -9.86
CA THR A 77 -5.42 2.78 -10.74
C THR A 77 -5.24 3.22 -12.17
N PHE A 78 -4.59 2.39 -12.95
CA PHE A 78 -4.39 2.69 -14.35
C PHE A 78 -4.59 1.44 -15.17
N TYR A 79 -5.12 1.63 -16.36
CA TYR A 79 -5.39 0.52 -17.24
C TYR A 79 -4.55 0.61 -18.51
N GLU A 80 -4.02 -0.53 -18.94
CA GLU A 80 -3.19 -0.58 -20.14
C GLU A 80 -3.96 -0.01 -21.31
N ASP A 81 -3.22 0.50 -22.28
CA ASP A 81 -3.83 1.07 -23.45
C ASP A 81 -4.48 -0.02 -24.30
N ARG A 82 -5.54 0.36 -25.01
CA ARG A 82 -6.25 -0.58 -25.87
C ARG A 82 -6.62 0.12 -27.17
N GLY A 83 -6.32 1.42 -27.23
CA GLY A 83 -6.66 2.22 -28.39
C GLY A 83 -7.88 3.05 -28.04
N ILE A 84 -8.96 2.88 -28.79
CA ILE A 84 -10.19 3.61 -28.51
C ILE A 84 -10.96 3.00 -27.33
N THR A 85 -10.81 1.69 -27.19
CA THR A 85 -11.44 0.94 -26.11
C THR A 85 -10.88 1.31 -24.73
N SER A 86 -9.73 1.96 -24.71
CA SER A 86 -9.06 2.28 -23.45
C SER A 86 -10.01 3.01 -22.50
N VAL A 87 -9.90 2.70 -21.21
CA VAL A 87 -10.80 3.26 -20.22
C VAL A 87 -10.40 4.69 -19.84
N VAL A 88 -11.38 5.46 -19.37
CA VAL A 88 -11.29 6.91 -19.41
C VAL A 88 -11.93 7.53 -18.18
N PRO A 89 -11.10 8.01 -17.26
CA PRO A 89 -9.68 8.26 -17.55
C PRO A 89 -8.83 7.02 -17.29
N SER A 90 -7.65 6.97 -17.90
CA SER A 90 -6.77 5.82 -17.77
C SER A 90 -6.19 5.73 -16.36
N HIS A 91 -6.09 6.88 -15.71
CA HIS A 91 -5.51 6.93 -14.37
C HIS A 91 -6.49 7.54 -13.37
N GLN A 92 -6.65 6.89 -12.23
CA GLN A 92 -7.49 7.40 -11.17
C GLN A 92 -6.70 7.34 -9.87
N ALA A 93 -6.68 8.43 -9.15
CA ALA A 93 -5.93 8.45 -7.89
C ALA A 93 -6.68 9.14 -6.78
N THR A 94 -6.37 8.71 -5.56
CA THR A 94 -6.96 9.32 -4.39
C THR A 94 -5.87 9.28 -3.32
N VAL A 95 -5.74 10.37 -2.59
CA VAL A 95 -4.73 10.46 -1.54
C VAL A 95 -5.39 10.51 -0.18
N LEU A 96 -4.84 9.76 0.78
CA LEU A 96 -5.37 9.75 2.14
C LEU A 96 -4.32 10.41 3.03
N LEU A 97 -4.76 11.33 3.89
CA LEU A 97 -3.84 12.00 4.81
C LEU A 97 -4.20 11.66 6.26
N PHE A 98 -3.20 11.24 7.02
CA PHE A 98 -3.38 10.84 8.39
C PHE A 98 -2.69 11.75 9.39
N GLU A 99 -3.22 11.79 10.62
CA GLU A 99 -2.61 12.57 11.68
C GLU A 99 -1.43 11.70 12.10
N PRO A 100 -0.19 12.20 11.92
CA PRO A 100 0.98 11.42 12.28
C PRO A 100 1.06 10.92 13.72
N SER A 101 0.49 11.64 14.67
CA SER A 101 0.54 11.22 16.07
C SER A 101 -0.59 10.29 16.50
N ASN A 102 -1.81 10.54 16.03
CA ASN A 102 -2.87 9.64 16.45
C ASN A 102 -3.26 8.58 15.42
N GLY A 103 -2.97 8.83 14.14
CA GLY A 103 -3.28 7.87 13.10
C GLY A 103 -4.64 8.08 12.47
N THR A 104 -5.40 9.05 12.96
CA THR A 104 -6.72 9.35 12.44
C THR A 104 -6.66 9.79 10.98
N LEU A 105 -7.60 9.29 10.18
CA LEU A 105 -7.64 9.66 8.78
C LEU A 105 -8.30 11.04 8.72
N LEU A 106 -7.48 12.05 8.48
CA LEU A 106 -7.94 13.43 8.41
C LEU A 106 -8.68 13.77 7.13
N ALA A 107 -8.16 13.30 5.99
CA ALA A 107 -8.81 13.62 4.73
C ALA A 107 -8.55 12.65 3.59
N VAL A 108 -9.54 12.48 2.73
CA VAL A 108 -9.41 11.65 1.54
C VAL A 108 -9.63 12.69 0.45
N MET A 109 -8.70 12.78 -0.49
CA MET A 109 -8.81 13.78 -1.52
C MET A 109 -8.47 13.27 -2.91
N ASP A 110 -9.01 13.95 -3.92
CA ASP A 110 -8.72 13.56 -5.28
C ASP A 110 -7.21 13.58 -5.42
N GLY A 111 -6.69 12.63 -6.21
CA GLY A 111 -5.25 12.57 -6.42
C GLY A 111 -4.89 12.85 -7.87
N ASN A 112 -5.92 12.95 -8.72
CA ASN A 112 -5.69 13.21 -10.13
C ASN A 112 -4.94 14.51 -10.39
N VAL A 113 -5.40 15.63 -9.84
CA VAL A 113 -4.71 16.90 -10.06
C VAL A 113 -3.33 16.86 -9.42
N ILE A 114 -3.24 16.26 -8.24
CA ILE A 114 -1.97 16.14 -7.54
C ILE A 114 -0.97 15.38 -8.43
N THR A 115 -1.41 14.25 -8.95
CA THR A 115 -0.58 13.39 -9.81
C THR A 115 -0.11 14.13 -11.06
N ALA A 116 -1.01 14.91 -11.65
CA ALA A 116 -0.71 15.65 -12.86
C ALA A 116 0.35 16.70 -12.60
N LYS A 117 0.11 17.55 -11.61
CA LYS A 117 1.03 18.63 -11.26
C LYS A 117 2.32 18.17 -10.61
N ARG A 118 2.21 17.29 -9.63
CA ARG A 118 3.37 16.76 -8.93
C ARG A 118 4.41 16.17 -9.91
N THR A 119 3.94 15.34 -10.83
CA THR A 119 4.84 14.71 -11.80
C THR A 119 5.51 15.71 -12.73
N ALA A 120 4.72 16.64 -13.26
CA ALA A 120 5.25 17.67 -14.15
C ALA A 120 6.29 18.53 -13.43
N ALA A 121 6.04 18.85 -12.17
CA ALA A 121 6.98 19.67 -11.40
C ALA A 121 8.30 18.93 -11.24
N VAL A 122 8.24 17.65 -10.92
CA VAL A 122 9.48 16.86 -10.74
C VAL A 122 10.26 16.77 -12.05
N SER A 123 9.56 16.65 -13.17
CA SER A 123 10.24 16.58 -14.45
C SER A 123 10.88 17.92 -14.73
N ALA A 124 10.21 18.98 -14.30
CA ALA A 124 10.72 20.32 -14.50
C ALA A 124 12.02 20.46 -13.71
N ILE A 125 12.03 19.94 -12.49
CA ILE A 125 13.20 20.03 -11.64
C ILE A 125 14.38 19.31 -12.30
N ALA A 126 14.10 18.14 -12.87
CA ALA A 126 15.15 17.37 -13.53
C ALA A 126 15.66 18.14 -14.72
N THR A 127 14.73 18.68 -15.51
CA THR A 127 15.10 19.45 -16.69
C THR A 127 15.90 20.68 -16.31
N LYS A 128 15.54 21.33 -15.22
CA LYS A 128 16.29 22.51 -14.83
C LYS A 128 17.72 22.18 -14.38
N PHE A 129 17.96 20.90 -14.07
CA PHE A 129 19.25 20.47 -13.58
C PHE A 129 20.10 19.83 -14.69
N LEU A 130 19.43 19.34 -15.73
CA LEU A 130 19.99 18.29 -16.57
C LEU A 130 20.07 18.71 -18.03
N LYS A 131 19.44 19.83 -18.35
CA LYS A 131 19.22 20.22 -19.73
C LYS A 131 20.48 20.84 -20.34
N PRO A 132 20.66 20.64 -21.64
CA PRO A 132 21.86 21.12 -22.33
C PRO A 132 21.98 22.64 -22.28
N PRO A 133 23.18 23.15 -22.48
CA PRO A 133 23.50 24.53 -22.12
C PRO A 133 22.90 25.54 -23.09
N SER A 134 22.27 25.05 -24.16
CA SER A 134 21.59 25.92 -25.10
C SER A 134 20.24 25.34 -25.53
N SER A 135 19.34 25.19 -24.56
CA SER A 135 18.16 24.36 -24.75
C SER A 135 17.01 25.16 -25.35
N GLU A 136 16.71 24.92 -26.62
CA GLU A 136 15.91 25.84 -27.40
C GLU A 136 14.65 25.16 -27.92
N VAL A 137 14.75 23.89 -28.26
CA VAL A 137 13.59 23.12 -28.73
C VAL A 137 13.11 22.04 -27.77
N LEU A 138 11.82 22.07 -27.49
CA LEU A 138 11.17 21.13 -26.60
C LEU A 138 10.28 20.20 -27.39
N CYS A 139 10.36 18.90 -27.11
CA CYS A 139 9.55 17.91 -27.80
C CYS A 139 8.78 17.05 -26.81
N ILE A 140 7.48 16.90 -27.06
CA ILE A 140 6.62 16.11 -26.21
C ILE A 140 6.05 14.90 -26.94
N LEU A 141 6.28 13.71 -26.42
CA LEU A 141 5.75 12.50 -27.04
C LEU A 141 4.56 12.07 -26.20
N GLY A 142 3.37 12.27 -26.74
CA GLY A 142 2.16 11.94 -26.02
C GLY A 142 1.26 13.16 -25.97
N ALA A 143 0.00 12.98 -25.62
CA ALA A 143 -0.95 14.08 -25.58
C ALA A 143 -2.05 13.87 -24.56
N GLY A 144 -1.74 13.17 -23.47
CA GLY A 144 -2.74 12.93 -22.45
C GLY A 144 -2.58 13.88 -21.27
N VAL A 145 -3.13 13.48 -20.13
CA VAL A 145 -3.05 14.27 -18.91
C VAL A 145 -1.65 14.78 -18.60
N GLN A 146 -0.67 13.90 -18.60
CA GLN A 146 0.71 14.29 -18.31
C GLN A 146 1.28 15.25 -19.35
N ALA A 147 0.85 15.13 -20.60
CA ALA A 147 1.37 16.00 -21.64
C ALA A 147 0.99 17.44 -21.34
N TYR A 148 -0.26 17.65 -20.94
CA TYR A 148 -0.75 18.99 -20.63
C TYR A 148 -0.07 19.59 -19.40
N SER A 149 -0.05 18.84 -18.31
CA SER A 149 0.57 19.34 -17.10
C SER A 149 2.04 19.65 -17.33
N HIS A 150 2.74 18.79 -18.08
CA HIS A 150 4.15 19.04 -18.36
C HIS A 150 4.30 20.28 -19.21
N TYR A 151 3.49 20.39 -20.25
CA TYR A 151 3.53 21.53 -21.13
C TYR A 151 3.35 22.82 -20.37
N GLU A 152 2.32 22.82 -19.51
CA GLU A 152 1.98 23.97 -18.71
C GLU A 152 3.14 24.50 -17.89
N ILE A 153 3.81 23.64 -17.14
CA ILE A 153 4.91 24.09 -16.30
C ILE A 153 6.21 24.33 -17.06
N PHE A 154 6.41 23.60 -18.16
CA PHE A 154 7.62 23.75 -18.95
C PHE A 154 7.66 25.07 -19.70
N THR A 155 6.49 25.52 -20.16
CA THR A 155 6.38 26.81 -20.82
C THR A 155 6.53 27.97 -19.83
N GLU A 156 6.19 27.71 -18.58
CA GLU A 156 6.22 28.75 -17.55
C GLU A 156 7.57 28.78 -16.83
N GLN A 157 8.26 27.64 -16.83
CA GLN A 157 9.52 27.52 -16.13
C GLN A 157 10.70 27.85 -17.05
N PHE A 158 10.55 27.50 -18.33
CA PHE A 158 11.62 27.70 -19.31
C PHE A 158 12.26 28.27 -20.58
N SER A 159 11.45 28.93 -21.39
CA SER A 159 11.90 29.55 -22.63
C SER A 159 12.42 28.76 -23.82
N PHE A 160 11.53 28.15 -24.56
CA PHE A 160 11.91 27.38 -25.73
C PHE A 160 11.58 28.14 -26.99
N LYS A 161 12.50 28.16 -27.94
CA LYS A 161 12.23 28.87 -29.18
C LYS A 161 11.15 28.11 -29.93
N GLU A 162 11.07 26.80 -29.70
CA GLU A 162 10.08 25.95 -30.36
C GLU A 162 9.64 24.78 -29.48
N VAL A 163 8.37 24.40 -29.61
CA VAL A 163 7.79 23.28 -28.87
C VAL A 163 7.13 22.34 -29.87
N ARG A 164 7.43 21.05 -29.77
CA ARG A 164 6.89 20.06 -30.70
C ARG A 164 6.12 18.99 -29.96
N ILE A 165 5.20 18.35 -30.66
CA ILE A 165 4.42 17.29 -30.05
C ILE A 165 4.20 16.19 -31.07
N TRP A 166 4.17 14.96 -30.61
CA TRP A 166 3.92 13.83 -31.49
C TRP A 166 3.04 12.92 -30.71
N ASN A 167 2.05 12.35 -31.37
CA ASN A 167 1.14 11.43 -30.73
C ASN A 167 0.71 10.34 -31.69
N ARG A 168 0.66 9.10 -31.20
CA ARG A 168 0.24 7.98 -32.01
C ARG A 168 -0.99 8.42 -32.80
N THR A 169 -2.00 8.92 -32.08
CA THR A 169 -3.20 9.41 -32.73
C THR A 169 -2.99 10.87 -33.08
N LYS A 170 -2.81 11.15 -34.37
CA LYS A 170 -2.57 12.51 -34.82
C LYS A 170 -3.65 13.51 -34.40
N GLU A 171 -4.90 13.09 -34.49
CA GLU A 171 -6.02 13.96 -34.15
C GLU A 171 -5.94 14.53 -32.73
N ASN A 172 -5.32 13.80 -31.80
CA ASN A 172 -5.22 14.28 -30.42
C ASN A 172 -4.06 15.23 -30.24
N ALA A 173 -3.02 15.05 -31.06
CA ALA A 173 -1.86 15.93 -31.00
C ALA A 173 -2.31 17.29 -31.53
N GLU A 174 -3.25 17.27 -32.46
CA GLU A 174 -3.78 18.49 -33.04
C GLU A 174 -4.70 19.16 -32.03
N LYS A 175 -5.53 18.35 -31.36
CA LYS A 175 -6.44 18.87 -30.35
C LYS A 175 -5.61 19.50 -29.23
N PHE A 176 -4.45 18.91 -28.95
CA PHE A 176 -3.55 19.43 -27.93
C PHE A 176 -3.01 20.80 -28.37
N ALA A 177 -2.49 20.86 -29.60
CA ALA A 177 -1.94 22.10 -30.14
C ALA A 177 -2.99 23.21 -30.22
N ASP A 178 -4.25 22.83 -30.40
CA ASP A 178 -5.29 23.83 -30.50
C ASP A 178 -5.78 24.30 -29.13
N THR A 179 -5.77 23.41 -28.14
CA THR A 179 -6.21 23.73 -26.79
C THR A 179 -5.20 24.52 -25.96
N VAL A 180 -3.92 24.21 -26.15
CA VAL A 180 -2.87 24.87 -25.38
C VAL A 180 -2.57 26.29 -25.81
N GLN A 181 -2.05 27.08 -24.88
CA GLN A 181 -1.69 28.47 -25.16
C GLN A 181 -0.24 28.50 -25.62
N GLY A 182 0.02 29.19 -26.72
CA GLY A 182 1.37 29.23 -27.25
C GLY A 182 1.39 28.32 -28.45
N GLU A 183 2.34 28.53 -29.35
CA GLU A 183 2.39 27.71 -30.56
C GLU A 183 3.13 26.40 -30.36
N VAL A 184 2.64 25.36 -31.05
CA VAL A 184 3.22 24.03 -30.98
C VAL A 184 3.21 23.42 -32.38
N ARG A 185 4.29 22.77 -32.76
CA ARG A 185 4.38 22.15 -34.08
C ARG A 185 3.98 20.69 -34.01
N VAL A 186 2.87 20.34 -34.63
CA VAL A 186 2.42 18.95 -34.63
C VAL A 186 3.24 18.15 -35.65
N CYS A 187 3.93 17.13 -35.18
CA CYS A 187 4.78 16.30 -36.05
C CYS A 187 4.12 14.95 -36.32
N SER A 188 4.46 14.37 -37.48
CA SER A 188 3.89 13.12 -37.93
C SER A 188 4.67 11.84 -37.63
N SER A 189 5.79 11.99 -36.95
CA SER A 189 6.61 10.84 -36.56
C SER A 189 7.50 11.29 -35.42
N VAL A 190 7.82 10.35 -34.53
CA VAL A 190 8.66 10.64 -33.37
C VAL A 190 10.00 11.20 -33.82
N GLN A 191 10.55 10.61 -34.87
CA GLN A 191 11.84 11.02 -35.39
C GLN A 191 11.86 12.48 -35.84
N GLU A 192 10.75 12.93 -36.41
CA GLU A 192 10.66 14.32 -36.84
C GLU A 192 10.54 15.20 -35.61
N ALA A 193 9.75 14.73 -34.65
CA ALA A 193 9.51 15.46 -33.41
C ALA A 193 10.77 15.70 -32.60
N VAL A 194 11.61 14.68 -32.48
CA VAL A 194 12.84 14.80 -31.70
C VAL A 194 14.03 15.30 -32.49
N ALA A 195 13.87 15.48 -33.80
CA ALA A 195 14.97 15.94 -34.63
C ALA A 195 15.53 17.25 -34.11
N GLY A 196 16.74 17.18 -33.55
CA GLY A 196 17.38 18.36 -33.03
C GLY A 196 16.78 18.91 -31.74
N ALA A 197 16.02 18.09 -31.02
CA ALA A 197 15.38 18.53 -29.78
C ALA A 197 16.34 18.50 -28.58
N ASP A 198 16.32 19.57 -27.78
CA ASP A 198 17.20 19.69 -26.61
C ASP A 198 16.63 19.02 -25.36
N VAL A 199 15.32 19.15 -25.18
CA VAL A 199 14.64 18.52 -24.05
C VAL A 199 13.48 17.72 -24.64
N ILE A 200 13.34 16.48 -24.17
CA ILE A 200 12.28 15.59 -24.63
C ILE A 200 11.48 15.06 -23.44
N ILE A 201 10.17 14.96 -23.62
CA ILE A 201 9.29 14.46 -22.58
C ILE A 201 8.48 13.32 -23.14
N THR A 202 8.62 12.13 -22.55
CA THR A 202 7.84 10.99 -23.02
C THR A 202 6.81 10.62 -21.95
N VAL A 203 5.56 10.87 -22.30
CA VAL A 203 4.44 10.59 -21.41
C VAL A 203 3.35 9.80 -22.13
N THR A 204 3.67 8.58 -22.53
CA THR A 204 2.71 7.74 -23.23
C THR A 204 2.45 6.46 -22.46
N LEU A 205 1.51 5.66 -22.95
CA LEU A 205 1.19 4.39 -22.33
C LEU A 205 1.74 3.25 -23.18
N ALA A 206 2.73 3.57 -24.00
CA ALA A 206 3.35 2.58 -24.87
C ALA A 206 4.07 1.53 -24.03
N THR A 207 4.14 0.31 -24.56
CA THR A 207 4.79 -0.78 -23.87
C THR A 207 6.05 -1.17 -24.61
N GLU A 208 6.11 -0.76 -25.88
CA GLU A 208 7.25 -1.04 -26.74
C GLU A 208 7.95 0.27 -27.00
N PRO A 209 9.29 0.26 -27.11
CA PRO A 209 10.02 1.49 -27.37
C PRO A 209 9.44 2.32 -28.52
N ILE A 210 9.34 3.62 -28.32
CA ILE A 210 8.83 4.52 -29.34
C ILE A 210 9.89 5.57 -29.66
N LEU A 211 10.88 5.69 -28.77
CA LEU A 211 11.97 6.65 -28.97
C LEU A 211 13.29 5.92 -29.08
N PHE A 212 13.94 6.07 -30.23
CA PHE A 212 15.22 5.42 -30.50
C PHE A 212 16.37 6.40 -30.43
N GLY A 213 17.38 6.06 -29.65
CA GLY A 213 18.55 6.91 -29.46
C GLY A 213 19.17 7.48 -30.72
N GLU A 214 19.06 6.71 -31.79
CA GLU A 214 19.58 7.07 -33.10
C GLU A 214 19.02 8.39 -33.65
N TRP A 215 17.89 8.85 -33.09
CA TRP A 215 17.27 10.09 -33.57
C TRP A 215 17.53 11.22 -32.60
N VAL A 216 18.15 10.89 -31.48
CA VAL A 216 18.42 11.88 -30.44
C VAL A 216 19.67 12.73 -30.61
N LYS A 217 19.49 14.04 -30.48
CA LYS A 217 20.58 15.02 -30.58
C LYS A 217 21.48 14.89 -29.37
N PRO A 218 22.79 14.67 -29.58
CA PRO A 218 23.77 14.53 -28.51
C PRO A 218 23.64 15.62 -27.45
N GLY A 219 23.44 15.22 -26.20
CA GLY A 219 23.33 16.16 -25.10
C GLY A 219 21.90 16.46 -24.70
N ALA A 220 20.94 15.89 -25.42
CA ALA A 220 19.53 16.11 -25.13
C ALA A 220 19.14 15.48 -23.80
N HIS A 221 18.24 16.15 -23.08
CA HIS A 221 17.76 15.63 -21.82
C HIS A 221 16.37 15.05 -22.03
N ILE A 222 16.17 13.82 -21.59
CA ILE A 222 14.89 13.16 -21.78
C ILE A 222 14.20 12.83 -20.47
N ASN A 223 12.96 13.27 -20.33
CA ASN A 223 12.18 12.97 -19.13
C ASN A 223 11.30 11.77 -19.52
N ALA A 224 11.69 10.59 -19.03
CA ALA A 224 10.98 9.36 -19.33
C ALA A 224 9.94 9.08 -18.23
N VAL A 225 8.73 9.57 -18.46
CA VAL A 225 7.64 9.45 -17.50
C VAL A 225 6.73 8.22 -17.59
N GLY A 226 6.53 7.68 -18.78
CA GLY A 226 5.65 6.54 -18.91
C GLY A 226 6.35 5.22 -18.66
N ALA A 227 5.69 4.11 -18.99
CA ALA A 227 6.25 2.77 -18.81
C ALA A 227 6.65 2.49 -17.37
N SER A 228 5.66 2.61 -16.48
CA SER A 228 5.87 2.38 -15.07
C SER A 228 5.80 0.91 -14.68
N ARG A 229 5.79 0.03 -15.67
CA ARG A 229 5.78 -1.41 -15.41
C ARG A 229 7.05 -2.07 -15.92
N PRO A 230 7.43 -3.17 -15.27
CA PRO A 230 8.77 -3.74 -15.47
C PRO A 230 8.84 -4.61 -16.72
N ASP A 231 7.81 -4.52 -17.56
CA ASP A 231 7.86 -5.10 -18.89
C ASP A 231 7.32 -4.14 -19.94
N TRP A 232 7.30 -2.85 -19.60
CA TRP A 232 6.97 -1.80 -20.55
C TRP A 232 8.20 -0.97 -20.89
N ARG A 233 8.27 -0.48 -22.13
CA ARG A 233 9.37 0.37 -22.54
C ARG A 233 8.90 1.53 -23.39
N GLU A 234 9.65 2.62 -23.35
CA GLU A 234 9.35 3.80 -24.17
C GLU A 234 10.64 4.13 -24.91
N LEU A 235 11.75 3.76 -24.30
CA LEU A 235 13.04 4.04 -24.91
C LEU A 235 13.78 2.78 -25.37
N ASP A 236 14.65 2.94 -26.36
CA ASP A 236 15.37 1.78 -26.87
C ASP A 236 16.69 1.52 -26.17
N ASP A 237 17.32 0.41 -26.52
CA ASP A 237 18.57 0.05 -25.85
C ASP A 237 19.71 1.01 -26.12
N GLU A 238 19.75 1.58 -27.31
CA GLU A 238 20.82 2.50 -27.66
C GLU A 238 20.69 3.78 -26.84
N LEU A 239 19.46 4.28 -26.70
CA LEU A 239 19.26 5.49 -25.92
C LEU A 239 19.58 5.21 -24.46
N MET A 240 19.08 4.07 -23.98
CA MET A 240 19.30 3.66 -22.60
C MET A 240 20.77 3.34 -22.33
N LYS A 241 21.47 2.87 -23.37
CA LYS A 241 22.86 2.53 -23.20
C LYS A 241 23.81 3.71 -23.29
N GLU A 242 23.65 4.57 -24.29
CA GLU A 242 24.55 5.72 -24.40
C GLU A 242 24.30 6.89 -23.43
N ALA A 243 23.06 7.08 -22.97
CA ALA A 243 22.73 8.17 -22.06
C ALA A 243 23.12 7.97 -20.58
N VAL A 244 23.37 9.08 -19.88
CA VAL A 244 23.70 9.02 -18.45
C VAL A 244 22.34 8.96 -17.75
N LEU A 245 22.10 7.85 -17.06
CA LEU A 245 20.82 7.60 -16.40
C LEU A 245 20.60 8.13 -14.98
N TYR A 246 19.55 8.92 -14.83
CA TYR A 246 19.13 9.50 -13.56
C TYR A 246 17.72 9.01 -13.28
N VAL A 247 17.43 8.73 -12.03
CA VAL A 247 16.11 8.25 -11.64
C VAL A 247 15.63 9.01 -10.41
N ASP A 248 14.38 8.78 -10.01
CA ASP A 248 13.88 9.43 -8.81
C ASP A 248 14.25 8.54 -7.62
N SER A 249 14.09 7.23 -7.82
CA SER A 249 14.40 6.22 -6.81
C SER A 249 15.01 4.99 -7.46
N GLN A 250 16.20 4.62 -7.02
CA GLN A 250 16.90 3.47 -7.57
C GLN A 250 16.12 2.17 -7.32
N GLU A 251 15.69 1.99 -6.07
CA GLU A 251 14.94 0.81 -5.68
C GLU A 251 13.67 0.68 -6.52
N ALA A 252 13.03 1.81 -6.79
CA ALA A 252 11.81 1.82 -7.58
C ALA A 252 12.12 1.50 -9.04
N ALA A 253 13.16 2.10 -9.59
CA ALA A 253 13.50 1.85 -10.98
C ALA A 253 13.86 0.38 -11.17
N LEU A 254 14.69 -0.14 -10.28
CA LEU A 254 15.10 -1.54 -10.37
C LEU A 254 13.94 -2.53 -10.18
N LYS A 255 12.79 -2.01 -9.79
CA LYS A 255 11.61 -2.84 -9.58
C LYS A 255 10.50 -2.61 -10.61
N GLU A 256 10.39 -1.38 -11.10
CA GLU A 256 9.31 -1.03 -12.01
C GLU A 256 9.64 -0.57 -13.42
N SER A 257 10.84 -0.08 -13.66
CA SER A 257 11.18 0.43 -14.98
C SER A 257 11.66 -0.62 -16.00
N GLY A 258 10.79 -0.93 -16.95
CA GLY A 258 11.16 -1.89 -17.98
C GLY A 258 12.31 -1.31 -18.76
N ASP A 259 12.27 0.01 -18.97
CA ASP A 259 13.33 0.72 -19.68
C ASP A 259 14.68 0.49 -19.02
N VAL A 260 14.72 0.50 -17.68
CA VAL A 260 15.97 0.29 -16.98
C VAL A 260 16.32 -1.19 -16.96
N LEU A 261 15.35 -2.03 -16.61
CA LEU A 261 15.54 -3.47 -16.51
C LEU A 261 15.86 -4.19 -17.82
N LEU A 262 14.94 -4.13 -18.78
CA LEU A 262 15.12 -4.79 -20.07
C LEU A 262 16.37 -4.35 -20.81
N SER A 263 16.89 -3.16 -20.52
CA SER A 263 18.09 -2.66 -21.19
C SER A 263 19.34 -2.93 -20.38
N GLY A 264 19.16 -3.23 -19.10
CA GLY A 264 20.28 -3.51 -18.23
C GLY A 264 21.17 -2.29 -18.06
N ALA A 265 20.58 -1.10 -18.19
CA ALA A 265 21.31 0.14 -18.05
C ALA A 265 21.71 0.30 -16.59
N GLU A 266 22.81 1.02 -16.35
CA GLU A 266 23.31 1.24 -15.00
C GLU A 266 22.89 2.62 -14.49
N ILE A 267 22.19 2.65 -13.37
CA ILE A 267 21.76 3.93 -12.80
C ILE A 267 22.95 4.75 -12.31
N PHE A 268 23.07 5.97 -12.82
CA PHE A 268 24.17 6.83 -12.41
C PHE A 268 23.90 7.51 -11.08
N ALA A 269 22.69 8.02 -10.92
CA ALA A 269 22.35 8.70 -9.68
C ALA A 269 20.87 9.02 -9.51
N GLU A 270 20.51 9.44 -8.30
CA GLU A 270 19.13 9.81 -8.01
C GLU A 270 19.03 11.33 -8.16
N LEU A 271 17.89 11.81 -8.64
CA LEU A 271 17.71 13.24 -8.81
C LEU A 271 17.97 13.95 -7.49
N GLY A 272 17.58 13.33 -6.38
CA GLY A 272 17.78 13.91 -5.08
C GLY A 272 19.25 14.13 -4.79
N GLU A 273 20.10 13.22 -5.23
CA GLU A 273 21.53 13.36 -5.02
C GLU A 273 22.07 14.57 -5.76
N VAL A 274 21.66 14.76 -7.01
CA VAL A 274 22.18 15.91 -7.74
C VAL A 274 21.64 17.20 -7.14
N ILE A 275 20.37 17.23 -6.75
CA ILE A 275 19.83 18.44 -6.13
C ILE A 275 20.70 18.92 -4.97
N LYS A 276 21.06 17.97 -4.11
CA LYS A 276 21.89 18.24 -2.94
C LYS A 276 23.38 18.47 -3.28
N GLY A 277 23.82 17.98 -4.43
CA GLY A 277 25.21 18.18 -4.85
C GLY A 277 26.15 17.00 -4.70
N VAL A 278 25.66 15.88 -4.19
CA VAL A 278 26.49 14.70 -3.99
C VAL A 278 26.84 13.99 -5.30
N LYS A 279 25.98 14.15 -6.29
CA LYS A 279 26.21 13.54 -7.59
C LYS A 279 26.21 14.63 -8.66
N PRO A 280 27.07 14.48 -9.69
CA PRO A 280 27.16 15.47 -10.76
C PRO A 280 26.06 15.43 -11.82
N ALA A 281 25.79 16.59 -12.41
CA ALA A 281 24.79 16.71 -13.46
C ALA A 281 25.49 16.82 -14.80
N HIS A 282 25.64 15.70 -15.49
CA HIS A 282 26.29 15.69 -16.80
C HIS A 282 25.32 16.22 -17.86
N CYS A 283 24.96 17.50 -17.73
CA CYS A 283 24.02 18.10 -18.66
C CYS A 283 24.55 18.33 -20.08
N GLU A 284 25.85 18.16 -20.29
CA GLU A 284 26.36 18.32 -21.64
C GLU A 284 26.34 16.99 -22.38
N LYS A 285 26.02 15.94 -21.63
CA LYS A 285 25.94 14.60 -22.18
C LYS A 285 24.46 14.26 -22.37
N THR A 286 24.16 13.28 -23.23
CA THR A 286 22.78 12.89 -23.40
C THR A 286 22.33 12.27 -22.07
N THR A 287 21.30 12.83 -21.46
CA THR A 287 20.81 12.33 -20.20
C THR A 287 19.37 11.83 -20.25
N VAL A 288 19.06 10.94 -19.32
CA VAL A 288 17.72 10.39 -19.24
C VAL A 288 17.30 10.40 -17.78
N PHE A 289 16.14 11.00 -17.51
CA PHE A 289 15.62 11.01 -16.17
C PHE A 289 14.42 10.05 -16.17
N LYS A 290 14.58 8.88 -15.56
CA LYS A 290 13.50 7.92 -15.49
C LYS A 290 12.66 8.25 -14.26
N SER A 291 11.44 8.72 -14.50
CA SER A 291 10.53 9.08 -13.43
C SER A 291 9.49 7.99 -13.22
N LEU A 292 9.33 7.56 -11.98
CA LEU A 292 8.38 6.51 -11.67
C LEU A 292 7.28 7.04 -10.77
N GLY A 293 7.59 8.14 -10.08
CA GLY A 293 6.65 8.72 -9.15
C GLY A 293 6.99 8.14 -7.79
N MET A 294 6.96 8.97 -6.76
CA MET A 294 7.26 8.52 -5.40
C MET A 294 6.21 9.03 -4.44
N ALA A 295 5.90 8.24 -3.42
CA ALA A 295 4.89 8.62 -2.44
C ALA A 295 5.14 9.97 -1.78
N VAL A 296 6.39 10.22 -1.36
CA VAL A 296 6.77 11.47 -0.72
C VAL A 296 6.42 12.71 -1.58
N GLU A 297 6.44 12.56 -2.90
CA GLU A 297 6.09 13.68 -3.77
C GLU A 297 4.59 14.00 -3.61
N ASP A 298 3.78 12.99 -3.30
CA ASP A 298 2.36 13.19 -3.11
C ASP A 298 2.14 13.69 -1.70
N THR A 299 3.03 13.27 -0.80
CA THR A 299 2.97 13.66 0.59
C THR A 299 3.10 15.19 0.72
N VAL A 300 4.17 15.75 0.17
CA VAL A 300 4.36 17.18 0.29
C VAL A 300 3.20 17.94 -0.33
N ALA A 301 2.65 17.41 -1.41
CA ALA A 301 1.53 18.07 -2.07
C ALA A 301 0.29 17.99 -1.20
N ALA A 302 -0.07 16.77 -0.81
CA ALA A 302 -1.24 16.54 0.00
C ALA A 302 -1.23 17.45 1.22
N LYS A 303 -0.08 17.54 1.86
CA LYS A 303 0.08 18.36 3.05
C LYS A 303 -0.18 19.83 2.76
N LEU A 304 0.53 20.37 1.78
CA LEU A 304 0.37 21.75 1.40
C LEU A 304 -1.09 22.06 1.21
N ILE A 305 -1.78 21.24 0.43
CA ILE A 305 -3.19 21.49 0.18
C ILE A 305 -4.07 21.31 1.41
N TYR A 306 -3.79 20.33 2.26
CA TYR A 306 -4.60 20.13 3.46
C TYR A 306 -4.48 21.33 4.41
N ASP A 307 -3.28 21.90 4.50
CA ASP A 307 -3.08 23.06 5.37
C ASP A 307 -3.83 24.26 4.80
N SER A 308 -3.70 24.48 3.50
CA SER A 308 -4.39 25.60 2.87
C SER A 308 -5.90 25.43 3.07
N TRP A 309 -6.38 24.21 2.93
CA TRP A 309 -7.78 23.89 3.09
C TRP A 309 -8.29 24.14 4.50
N SER A 310 -7.64 23.59 5.51
CA SER A 310 -8.13 23.79 6.87
C SER A 310 -7.92 25.22 7.38
N SER A 311 -7.40 26.09 6.52
CA SER A 311 -7.19 27.49 6.85
C SER A 311 -8.34 28.30 6.27
N GLY A 312 -8.15 28.70 5.01
CA GLY A 312 -9.14 29.49 4.31
C GLY A 312 -8.41 30.37 3.30
N ARG B 2 -19.49 11.56 -9.79
CA ARG B 2 -19.23 10.35 -8.96
C ARG B 2 -18.25 10.63 -7.83
N VAL B 3 -18.73 10.50 -6.61
CA VAL B 3 -17.90 10.71 -5.42
C VAL B 3 -18.06 9.45 -4.60
N PRO B 4 -16.99 9.04 -3.92
CA PRO B 4 -17.03 7.83 -3.10
C PRO B 4 -18.04 7.92 -2.00
N ALA B 5 -18.69 6.80 -1.73
CA ALA B 5 -19.65 6.73 -0.65
C ALA B 5 -18.86 6.49 0.64
N PHE B 6 -19.36 7.00 1.76
CA PHE B 6 -18.69 6.79 3.04
C PHE B 6 -19.56 5.94 3.94
N LEU B 7 -19.00 4.84 4.41
CA LEU B 7 -19.71 3.94 5.29
C LEU B 7 -19.14 4.05 6.69
N SER B 8 -19.96 4.53 7.61
CA SER B 8 -19.56 4.71 9.01
C SER B 8 -19.36 3.34 9.68
N ALA B 9 -18.72 3.35 10.84
CA ALA B 9 -18.49 2.12 11.57
C ALA B 9 -19.84 1.48 11.87
N ALA B 10 -20.83 2.34 12.16
CA ALA B 10 -22.16 1.87 12.49
C ALA B 10 -22.84 1.24 11.28
N GLU B 11 -22.63 1.83 10.12
CA GLU B 11 -23.21 1.29 8.91
C GLU B 11 -22.60 -0.05 8.54
N VAL B 12 -21.33 -0.23 8.90
CA VAL B 12 -20.64 -1.48 8.63
C VAL B 12 -21.12 -2.60 9.55
N GLU B 13 -21.12 -2.33 10.84
CA GLU B 13 -21.64 -3.28 11.83
C GLU B 13 -23.02 -3.79 11.42
N GLU B 14 -23.66 -3.07 10.51
CA GLU B 14 -25.06 -3.32 10.20
C GLU B 14 -25.20 -4.17 8.94
N HIS B 15 -24.18 -4.14 8.09
CA HIS B 15 -24.16 -4.95 6.88
C HIS B 15 -23.23 -6.15 7.04
N LEU B 16 -22.66 -6.29 8.24
CA LEU B 16 -21.76 -7.41 8.52
C LEU B 16 -22.30 -8.28 9.66
N ARG B 17 -22.69 -7.63 10.75
CA ARG B 17 -23.75 -8.15 11.60
C ARG B 17 -23.28 -9.38 12.38
N SER B 18 -22.59 -10.27 11.69
CA SER B 18 -22.08 -11.49 12.32
C SER B 18 -20.81 -11.97 11.64
N SER B 19 -19.80 -12.32 12.44
CA SER B 19 -18.50 -12.69 11.91
C SER B 19 -18.44 -14.18 11.59
N SER B 20 -19.37 -14.94 12.17
CA SER B 20 -19.46 -16.37 11.90
C SER B 20 -19.95 -16.60 10.47
N LEU B 21 -20.61 -15.59 9.91
CA LEU B 21 -21.01 -15.64 8.51
C LEU B 21 -19.85 -15.41 7.56
N LEU B 22 -18.75 -14.86 8.07
CA LEU B 22 -17.58 -14.58 7.25
C LEU B 22 -16.77 -15.85 7.01
N ILE B 23 -16.94 -16.82 7.90
CA ILE B 23 -16.22 -18.07 7.84
C ILE B 23 -16.16 -18.74 6.46
N PRO B 24 -17.32 -18.97 5.83
CA PRO B 24 -17.27 -19.62 4.52
C PRO B 24 -16.50 -18.84 3.46
N PRO B 25 -16.89 -17.57 3.22
CA PRO B 25 -16.16 -16.79 2.21
C PRO B 25 -14.68 -16.65 2.55
N LEU B 26 -14.36 -16.66 3.84
CA LEU B 26 -12.98 -16.54 4.26
C LEU B 26 -12.21 -17.83 4.01
N GLU B 27 -12.85 -18.98 4.22
CA GLU B 27 -12.18 -20.25 3.99
C GLU B 27 -11.84 -20.33 2.51
N THR B 28 -12.74 -19.82 1.68
CA THR B 28 -12.55 -19.82 0.24
C THR B 28 -11.36 -18.93 -0.13
N ALA B 29 -11.36 -17.71 0.40
CA ALA B 29 -10.28 -16.77 0.14
C ALA B 29 -8.93 -17.33 0.57
N LEU B 30 -8.86 -17.89 1.77
CA LEU B 30 -7.60 -18.47 2.27
C LEU B 30 -7.13 -19.61 1.36
N ALA B 31 -8.06 -20.44 0.91
CA ALA B 31 -7.73 -21.56 0.04
C ALA B 31 -7.24 -21.02 -1.31
N ASN B 32 -7.97 -20.04 -1.83
CA ASN B 32 -7.61 -19.45 -3.10
C ASN B 32 -6.25 -18.77 -3.01
N PHE B 33 -6.00 -18.07 -1.91
CA PHE B 33 -4.72 -17.38 -1.74
C PHE B 33 -3.56 -18.38 -1.75
N SER B 34 -3.79 -19.53 -1.17
CA SER B 34 -2.75 -20.55 -1.08
C SER B 34 -2.70 -21.50 -2.28
N SER B 35 -3.63 -21.36 -3.23
CA SER B 35 -3.61 -22.23 -4.41
C SER B 35 -2.87 -21.53 -5.55
N GLY B 36 -1.93 -20.66 -5.18
CA GLY B 36 -1.13 -19.95 -6.15
C GLY B 36 -1.95 -19.11 -7.12
N PRO B 37 -1.40 -18.82 -8.30
CA PRO B 37 -2.02 -18.03 -9.38
C PRO B 37 -3.42 -18.49 -9.81
N GLU B 38 -3.64 -19.80 -9.84
CA GLU B 38 -4.94 -20.33 -10.23
C GLU B 38 -6.00 -19.85 -9.24
N GLY B 39 -5.56 -19.51 -8.02
CA GLY B 39 -6.47 -19.04 -6.98
C GLY B 39 -7.16 -17.73 -7.29
N GLY B 40 -6.57 -16.95 -8.21
CA GLY B 40 -7.16 -15.69 -8.60
C GLY B 40 -6.88 -14.50 -7.68
N VAL B 41 -6.17 -14.73 -6.59
CA VAL B 41 -5.91 -13.61 -5.70
C VAL B 41 -4.50 -13.05 -5.82
N MET B 42 -4.46 -11.75 -6.13
CA MET B 42 -3.23 -11.02 -6.31
C MET B 42 -3.00 -10.24 -5.04
N GLN B 43 -2.20 -10.80 -4.13
CA GLN B 43 -1.93 -10.15 -2.87
C GLN B 43 -0.45 -9.97 -2.56
N PRO B 44 0.09 -8.76 -2.76
CA PRO B 44 1.51 -8.54 -2.46
C PRO B 44 1.57 -8.45 -0.94
N VAL B 45 2.73 -8.75 -0.36
CA VAL B 45 2.87 -8.66 1.08
C VAL B 45 2.62 -7.23 1.57
N ARG B 46 2.00 -7.16 2.73
CA ARG B 46 1.68 -5.91 3.42
C ARG B 46 2.92 -5.00 3.50
N THR B 47 2.72 -3.70 3.33
CA THR B 47 3.86 -2.79 3.44
C THR B 47 3.60 -1.94 4.68
N VAL B 48 4.63 -1.74 5.47
CA VAL B 48 4.49 -0.97 6.68
C VAL B 48 5.42 0.23 6.68
N VAL B 49 4.86 1.37 7.03
CA VAL B 49 5.64 2.60 7.11
C VAL B 49 5.77 2.96 8.57
N PRO B 50 6.97 2.77 9.14
CA PRO B 50 7.11 3.12 10.55
C PRO B 50 7.14 4.63 10.74
N VAL B 51 6.25 5.16 11.58
CA VAL B 51 6.28 6.59 11.83
C VAL B 51 6.99 6.74 13.18
N THR B 52 8.30 6.51 13.13
CA THR B 52 9.19 6.53 14.28
C THR B 52 9.11 7.64 15.33
N LYS B 53 8.87 8.89 14.92
CA LYS B 53 8.80 9.98 15.86
C LYS B 53 7.54 9.95 16.73
N HIS B 54 6.58 9.12 16.34
CA HIS B 54 5.34 9.01 17.09
C HIS B 54 5.14 7.58 17.56
N ARG B 55 6.18 6.77 17.38
CA ARG B 55 6.16 5.37 17.77
C ARG B 55 4.92 4.66 17.25
N GLY B 56 4.65 4.85 15.97
CA GLY B 56 3.49 4.23 15.35
C GLY B 56 3.86 3.58 14.04
N TYR B 57 2.86 3.02 13.38
CA TYR B 57 3.09 2.34 12.11
C TYR B 57 1.89 2.48 11.19
N LEU B 58 2.16 2.67 9.90
CA LEU B 58 1.10 2.76 8.90
C LEU B 58 1.23 1.52 8.04
N GLY B 59 0.17 0.72 7.99
CA GLY B 59 0.20 -0.48 7.18
C GLY B 59 -0.78 -0.40 6.03
N VAL B 60 -0.32 -0.79 4.85
CA VAL B 60 -1.18 -0.77 3.68
C VAL B 60 -1.34 -2.20 3.18
N MET B 61 -2.59 -2.60 2.98
CA MET B 61 -2.90 -3.97 2.56
C MET B 61 -3.82 -4.03 1.35
N PRO B 62 -3.24 -3.92 0.14
CA PRO B 62 -4.02 -3.96 -1.11
C PRO B 62 -4.18 -5.39 -1.63
N ALA B 63 -5.29 -5.65 -2.30
CA ALA B 63 -5.54 -6.98 -2.84
C ALA B 63 -6.60 -7.00 -3.91
N TYR B 64 -6.43 -7.92 -4.85
CA TYR B 64 -7.41 -8.13 -5.89
C TYR B 64 -7.75 -9.61 -5.84
N SER B 65 -9.03 -9.92 -5.88
CA SER B 65 -9.47 -11.31 -5.87
C SER B 65 -10.43 -11.48 -7.01
N ALA B 66 -10.01 -12.24 -8.02
CA ALA B 66 -10.82 -12.50 -9.21
C ALA B 66 -12.09 -13.28 -8.90
N ALA B 67 -11.99 -14.32 -8.10
CA ALA B 67 -13.16 -15.13 -7.76
C ALA B 67 -14.39 -14.28 -7.52
N GLU B 68 -14.32 -13.35 -6.57
CA GLU B 68 -15.47 -12.50 -6.31
C GLU B 68 -15.31 -11.13 -6.95
N ASP B 69 -14.30 -11.03 -7.83
CA ASP B 69 -13.98 -9.79 -8.54
C ASP B 69 -14.07 -8.55 -7.66
N ALA B 70 -13.19 -8.49 -6.67
CA ALA B 70 -13.15 -7.38 -5.74
C ALA B 70 -11.74 -6.79 -5.65
N LEU B 71 -11.66 -5.47 -5.66
CA LEU B 71 -10.39 -4.76 -5.59
C LEU B 71 -10.45 -3.76 -4.44
N THR B 72 -9.70 -4.03 -3.38
CA THR B 72 -9.71 -3.16 -2.22
C THR B 72 -8.30 -2.92 -1.69
N THR B 73 -8.22 -2.12 -0.63
CA THR B 73 -6.97 -1.84 0.04
C THR B 73 -7.34 -1.37 1.43
N LYS B 74 -6.78 -2.00 2.46
CA LYS B 74 -7.05 -1.55 3.81
C LYS B 74 -5.83 -0.84 4.33
N LEU B 75 -6.05 0.30 5.01
CA LEU B 75 -4.96 1.06 5.58
C LEU B 75 -5.12 1.06 7.09
N VAL B 76 -4.09 0.62 7.80
CA VAL B 76 -4.15 0.56 9.26
C VAL B 76 -3.06 1.33 9.96
N THR B 77 -3.39 1.83 11.14
CA THR B 77 -2.45 2.58 11.95
C THR B 77 -2.52 2.06 13.38
N PHE B 78 -1.38 1.68 13.93
CA PHE B 78 -1.34 1.24 15.31
C PHE B 78 -0.11 1.84 15.96
N TYR B 79 -0.23 2.22 17.22
CA TYR B 79 0.85 2.91 17.92
C TYR B 79 1.31 2.14 19.14
N GLU B 80 2.61 2.10 19.36
CA GLU B 80 3.20 1.21 20.36
C GLU B 80 2.64 1.50 21.74
N ASP B 81 2.45 0.45 22.53
CA ASP B 81 2.29 0.59 23.97
C ASP B 81 3.53 1.20 24.60
N ARG B 82 3.33 2.24 25.40
CA ARG B 82 4.42 2.88 26.12
C ARG B 82 4.40 2.51 27.60
N GLY B 83 3.75 1.40 27.91
CA GLY B 83 3.71 0.89 29.27
C GLY B 83 2.34 1.00 29.89
N ILE B 84 2.19 0.43 31.08
CA ILE B 84 0.89 -0.05 31.56
C ILE B 84 -0.07 1.11 31.79
N THR B 85 0.44 2.19 32.37
CA THR B 85 -0.37 3.37 32.66
C THR B 85 -0.50 4.25 31.43
N SER B 86 0.38 4.05 30.46
CA SER B 86 0.08 4.35 29.07
C SER B 86 -0.31 5.81 28.89
N VAL B 87 -0.50 6.22 27.65
CA VAL B 87 -1.83 6.37 27.08
C VAL B 87 -1.78 6.47 25.57
N VAL B 88 -2.16 5.39 24.89
CA VAL B 88 -1.85 5.22 23.48
C VAL B 88 -3.10 5.35 22.62
N PRO B 89 -2.93 5.76 21.37
CA PRO B 89 -4.02 5.76 20.40
C PRO B 89 -4.26 4.39 19.79
N SER B 90 -5.53 4.06 19.53
CA SER B 90 -5.91 2.69 19.24
C SER B 90 -5.59 2.30 17.80
N HIS B 91 -5.77 1.03 17.48
CA HIS B 91 -5.71 0.58 16.08
C HIS B 91 -6.80 1.31 15.32
N GLN B 92 -6.46 1.82 14.14
CA GLN B 92 -7.44 2.51 13.31
C GLN B 92 -7.32 2.00 11.89
N ALA B 93 -8.44 1.63 11.30
CA ALA B 93 -8.40 1.11 9.95
C ALA B 93 -9.50 1.68 9.09
N THR B 94 -9.24 1.73 7.79
CA THR B 94 -10.21 2.21 6.85
C THR B 94 -9.95 1.42 5.57
N VAL B 95 -11.03 0.95 4.96
CA VAL B 95 -10.92 0.16 3.73
C VAL B 95 -11.47 0.92 2.53
N LEU B 96 -10.74 0.87 1.41
CA LEU B 96 -11.20 1.52 0.19
C LEU B 96 -11.54 0.44 -0.81
N LEU B 97 -12.69 0.57 -1.47
CA LEU B 97 -13.12 -0.40 -2.47
C LEU B 97 -13.20 0.27 -3.84
N PHE B 98 -12.58 -0.38 -4.84
CA PHE B 98 -12.56 0.18 -6.19
C PHE B 98 -13.31 -0.67 -7.18
N GLU B 99 -13.71 -0.03 -8.26
CA GLU B 99 -14.40 -0.68 -9.35
C GLU B 99 -13.27 -1.39 -10.09
N PRO B 100 -13.25 -2.73 -10.07
CA PRO B 100 -12.19 -3.50 -10.74
C PRO B 100 -11.92 -3.15 -12.21
N SER B 101 -12.96 -2.77 -12.96
CA SER B 101 -12.78 -2.46 -14.38
C SER B 101 -12.41 -1.00 -14.69
N ASN B 102 -13.01 -0.09 -13.94
CA ASN B 102 -12.83 1.36 -14.06
C ASN B 102 -11.65 1.90 -13.29
N GLY B 103 -11.58 1.43 -12.05
CA GLY B 103 -10.56 1.90 -11.13
C GLY B 103 -11.15 2.97 -10.23
N THR B 104 -12.40 3.34 -10.47
CA THR B 104 -13.06 4.37 -9.65
C THR B 104 -13.23 3.92 -8.20
N LEU B 105 -12.97 4.85 -7.28
CA LEU B 105 -13.10 4.60 -5.84
C LEU B 105 -14.58 4.61 -5.51
N LEU B 106 -15.15 3.42 -5.32
CA LEU B 106 -16.57 3.28 -5.02
C LEU B 106 -16.92 3.65 -3.58
N ALA B 107 -16.11 3.22 -2.63
CA ALA B 107 -16.41 3.53 -1.24
C ALA B 107 -15.23 3.49 -0.29
N VAL B 108 -15.31 4.32 0.73
CA VAL B 108 -14.30 4.38 1.79
C VAL B 108 -15.12 4.02 3.02
N MET B 109 -14.69 2.98 3.73
CA MET B 109 -15.46 2.53 4.88
C MET B 109 -14.62 2.24 6.12
N ASP B 110 -15.27 2.30 7.28
CA ASP B 110 -14.59 2.01 8.52
C ASP B 110 -13.99 0.62 8.35
N GLY B 111 -12.81 0.40 8.91
CA GLY B 111 -12.18 -0.90 8.80
C GLY B 111 -12.05 -1.53 10.17
N ASN B 112 -12.38 -0.77 11.21
CA ASN B 112 -12.28 -1.24 12.57
C ASN B 112 -13.13 -2.48 12.82
N VAL B 113 -14.43 -2.42 12.50
CA VAL B 113 -15.23 -3.61 12.78
C VAL B 113 -14.84 -4.74 11.84
N ILE B 114 -14.47 -4.42 10.59
CA ILE B 114 -14.05 -5.45 9.65
C ILE B 114 -12.83 -6.16 10.21
N THR B 115 -11.86 -5.39 10.70
CA THR B 115 -10.63 -5.94 11.24
C THR B 115 -10.88 -6.80 12.47
N ALA B 116 -11.68 -6.28 13.39
CA ALA B 116 -12.18 -7.06 14.52
C ALA B 116 -12.74 -8.40 14.05
N LYS B 117 -13.77 -8.35 13.21
CA LYS B 117 -14.59 -9.53 12.94
C LYS B 117 -13.85 -10.52 12.06
N ARG B 118 -13.09 -10.01 11.10
CA ARG B 118 -12.45 -10.85 10.09
C ARG B 118 -11.27 -11.62 10.69
N THR B 119 -10.59 -11.00 11.65
CA THR B 119 -9.47 -11.63 12.32
C THR B 119 -9.94 -12.74 13.25
N ALA B 120 -11.05 -12.50 13.93
CA ALA B 120 -11.65 -13.50 14.81
C ALA B 120 -12.15 -14.70 13.99
N ALA B 121 -12.78 -14.42 12.86
CA ALA B 121 -13.29 -15.48 12.02
C ALA B 121 -12.17 -16.38 11.53
N VAL B 122 -11.06 -15.78 11.09
CA VAL B 122 -9.92 -16.58 10.60
C VAL B 122 -9.32 -17.43 11.71
N SER B 123 -9.28 -16.90 12.93
CA SER B 123 -8.74 -17.66 14.06
C SER B 123 -9.66 -18.82 14.31
N ALA B 124 -10.96 -18.56 14.17
CA ALA B 124 -11.97 -19.57 14.39
C ALA B 124 -11.78 -20.70 13.38
N ILE B 125 -11.50 -20.32 12.13
CA ILE B 125 -11.30 -21.32 11.09
C ILE B 125 -10.10 -22.21 11.43
N ALA B 126 -9.02 -21.57 11.90
CA ALA B 126 -7.82 -22.31 12.25
C ALA B 126 -8.12 -23.23 13.42
N THR B 127 -8.83 -22.72 14.42
CA THR B 127 -9.17 -23.52 15.58
C THR B 127 -10.07 -24.68 15.19
N LYS B 128 -10.99 -24.47 14.25
CA LYS B 128 -11.88 -25.53 13.83
C LYS B 128 -11.13 -26.61 13.03
N PHE B 129 -9.90 -26.31 12.64
CA PHE B 129 -9.08 -27.26 11.91
C PHE B 129 -7.92 -27.86 12.73
N LEU B 130 -7.35 -27.08 13.64
CA LEU B 130 -6.21 -27.56 14.42
C LEU B 130 -6.53 -27.89 15.88
N LYS B 131 -7.77 -27.62 16.28
CA LYS B 131 -8.22 -27.92 17.62
C LYS B 131 -8.22 -29.42 17.89
N PRO B 132 -7.72 -29.81 19.06
CA PRO B 132 -7.39 -31.21 19.33
C PRO B 132 -8.62 -32.02 19.75
N PRO B 133 -8.48 -33.34 19.77
CA PRO B 133 -9.64 -34.23 19.76
C PRO B 133 -10.77 -33.69 20.63
N SER B 134 -10.61 -33.79 21.94
CA SER B 134 -11.60 -33.25 22.87
C SER B 134 -11.09 -31.99 23.56
N SER B 135 -11.88 -30.93 23.49
CA SER B 135 -11.33 -29.57 23.52
C SER B 135 -12.17 -28.68 24.42
N GLU B 136 -11.89 -28.71 25.72
CA GLU B 136 -12.84 -28.29 26.72
C GLU B 136 -12.58 -26.85 27.16
N VAL B 137 -11.32 -26.54 27.44
CA VAL B 137 -10.97 -25.25 28.04
C VAL B 137 -10.32 -24.27 27.07
N LEU B 138 -10.87 -23.06 27.04
CA LEU B 138 -10.40 -21.99 26.18
C LEU B 138 -9.74 -20.92 27.03
N CYS B 139 -8.55 -20.46 26.61
CA CYS B 139 -7.83 -19.41 27.33
C CYS B 139 -7.51 -18.21 26.44
N ILE B 140 -7.79 -17.03 26.93
CA ILE B 140 -7.52 -15.83 26.15
C ILE B 140 -6.53 -14.93 26.87
N LEU B 141 -5.45 -14.59 26.18
CA LEU B 141 -4.43 -13.72 26.73
C LEU B 141 -4.63 -12.36 26.10
N GLY B 142 -5.16 -11.43 26.89
CA GLY B 142 -5.42 -10.10 26.38
C GLY B 142 -6.89 -9.77 26.65
N ALA B 143 -7.25 -8.50 26.52
CA ALA B 143 -8.62 -8.08 26.77
C ALA B 143 -9.00 -6.84 25.99
N GLY B 144 -8.42 -6.68 24.80
CA GLY B 144 -8.74 -5.54 23.97
C GLY B 144 -9.77 -5.88 22.89
N VAL B 145 -9.79 -5.08 21.83
CA VAL B 145 -10.73 -5.29 20.74
C VAL B 145 -10.72 -6.73 20.21
N GLN B 146 -9.54 -7.27 19.92
CA GLN B 146 -9.46 -8.63 19.40
C GLN B 146 -9.94 -9.68 20.40
N ALA B 147 -9.79 -9.39 21.69
CA ALA B 147 -10.21 -10.31 22.73
C ALA B 147 -11.72 -10.54 22.66
N TYR B 148 -12.47 -9.43 22.56
CA TYR B 148 -13.92 -9.51 22.48
C TYR B 148 -14.40 -10.17 21.22
N SER B 149 -13.90 -9.72 20.06
CA SER B 149 -14.32 -10.31 18.79
C SER B 149 -14.03 -11.80 18.78
N HIS B 150 -12.86 -12.19 19.26
CA HIS B 150 -12.50 -13.60 19.29
C HIS B 150 -13.45 -14.34 20.24
N TYR B 151 -13.64 -13.80 21.43
CA TYR B 151 -14.51 -14.46 22.39
C TYR B 151 -15.92 -14.66 21.82
N GLU B 152 -16.45 -13.61 21.21
CA GLU B 152 -17.77 -13.64 20.62
C GLU B 152 -17.98 -14.79 19.64
N ILE B 153 -17.06 -14.97 18.70
CA ILE B 153 -17.20 -16.02 17.70
C ILE B 153 -16.83 -17.41 18.21
N PHE B 154 -15.91 -17.47 19.17
CA PHE B 154 -15.49 -18.76 19.70
C PHE B 154 -16.59 -19.41 20.53
N THR B 155 -17.31 -18.62 21.31
CA THR B 155 -18.39 -19.19 22.12
C THR B 155 -19.60 -19.53 21.26
N GLU B 156 -19.66 -18.95 20.07
CA GLU B 156 -20.75 -19.20 19.12
C GLU B 156 -20.44 -20.40 18.24
N GLN B 157 -19.18 -20.52 17.85
CA GLN B 157 -18.73 -21.60 16.97
C GLN B 157 -18.39 -22.90 17.71
N PHE B 158 -17.93 -22.77 18.96
CA PHE B 158 -17.55 -23.95 19.73
C PHE B 158 -18.24 -24.03 21.08
N SER B 159 -17.96 -25.13 21.79
CA SER B 159 -18.52 -25.36 23.12
C SER B 159 -17.40 -25.70 24.07
N PHE B 160 -17.05 -24.75 24.92
CA PHE B 160 -16.00 -24.98 25.90
C PHE B 160 -16.59 -25.16 27.29
N LYS B 161 -16.11 -26.16 28.02
CA LYS B 161 -16.62 -26.36 29.36
C LYS B 161 -16.21 -25.17 30.21
N GLU B 162 -15.08 -24.54 29.86
CA GLU B 162 -14.55 -23.41 30.61
C GLU B 162 -13.77 -22.43 29.74
N VAL B 163 -13.89 -21.14 30.05
CA VAL B 163 -13.16 -20.12 29.30
C VAL B 163 -12.40 -19.27 30.32
N ARG B 164 -11.13 -19.04 30.03
CA ARG B 164 -10.29 -18.24 30.92
C ARG B 164 -9.72 -17.05 30.20
N ILE B 165 -9.32 -16.04 31.00
CA ILE B 165 -8.77 -14.82 30.49
C ILE B 165 -7.72 -14.29 31.45
N TRP B 166 -6.65 -13.75 30.87
CA TRP B 166 -5.60 -13.16 31.65
C TRP B 166 -5.21 -11.90 30.90
N ASN B 167 -4.89 -10.86 31.67
CA ASN B 167 -4.50 -9.60 31.09
C ASN B 167 -3.50 -8.94 32.02
N ARG B 168 -2.47 -8.35 31.42
CA ARG B 168 -1.45 -7.68 32.21
C ARG B 168 -2.17 -6.79 33.23
N THR B 169 -3.12 -5.99 32.76
CA THR B 169 -3.90 -5.14 33.66
C THR B 169 -5.09 -5.99 34.15
N LYS B 170 -5.06 -6.41 35.41
CA LYS B 170 -6.13 -7.24 35.94
C LYS B 170 -7.50 -6.58 35.86
N GLU B 171 -7.57 -5.30 36.13
CA GLU B 171 -8.85 -4.60 36.11
C GLU B 171 -9.59 -4.68 34.76
N ASN B 172 -8.85 -4.80 33.66
CA ASN B 172 -9.47 -4.89 32.34
C ASN B 172 -9.96 -6.32 32.06
N ALA B 173 -9.28 -7.29 32.63
CA ALA B 173 -9.66 -8.69 32.45
C ALA B 173 -10.99 -8.89 33.20
N GLU B 174 -11.15 -8.15 34.30
CA GLU B 174 -12.36 -8.24 35.11
C GLU B 174 -13.49 -7.53 34.37
N LYS B 175 -13.17 -6.37 33.78
CA LYS B 175 -14.14 -5.60 33.01
C LYS B 175 -14.62 -6.45 31.86
N PHE B 176 -13.70 -7.23 31.30
CA PHE B 176 -14.03 -8.13 30.20
C PHE B 176 -15.00 -9.20 30.67
N ALA B 177 -14.65 -9.89 31.75
CA ALA B 177 -15.49 -10.95 32.30
C ALA B 177 -16.87 -10.43 32.71
N ASP B 178 -16.93 -9.15 33.07
CA ASP B 178 -18.20 -8.56 33.50
C ASP B 178 -19.07 -8.16 32.31
N THR B 179 -18.46 -7.64 31.25
CA THR B 179 -19.26 -7.21 30.10
C THR B 179 -19.66 -8.32 29.13
N VAL B 180 -18.86 -9.37 29.06
CA VAL B 180 -19.13 -10.48 28.17
C VAL B 180 -20.27 -11.38 28.67
N GLN B 181 -20.96 -12.04 27.74
CA GLN B 181 -22.06 -12.95 28.06
C GLN B 181 -21.48 -14.35 28.25
N GLY B 182 -21.84 -15.01 29.35
CA GLY B 182 -21.29 -16.32 29.62
C GLY B 182 -20.24 -16.16 30.70
N GLU B 183 -19.94 -17.23 31.43
CA GLU B 183 -18.94 -17.12 32.49
C GLU B 183 -17.51 -17.25 32.01
N VAL B 184 -16.62 -16.49 32.65
CA VAL B 184 -15.20 -16.50 32.31
C VAL B 184 -14.40 -16.42 33.61
N ARG B 185 -13.35 -17.22 33.74
CA ARG B 185 -12.54 -17.19 34.94
C ARG B 185 -11.33 -16.28 34.77
N VAL B 186 -11.30 -15.21 35.55
CA VAL B 186 -10.20 -14.26 35.50
C VAL B 186 -9.00 -14.86 36.24
N CYS B 187 -7.89 -15.02 35.52
CA CYS B 187 -6.66 -15.59 36.09
C CYS B 187 -5.63 -14.49 36.37
N SER B 188 -4.78 -14.71 37.37
CA SER B 188 -3.78 -13.72 37.74
C SER B 188 -2.36 -13.94 37.21
N SER B 189 -2.20 -14.92 36.32
CA SER B 189 -0.91 -15.23 35.73
C SER B 189 -1.20 -15.99 34.44
N VAL B 190 -0.40 -15.79 33.39
CA VAL B 190 -0.69 -16.50 32.16
C VAL B 190 -0.51 -18.01 32.35
N GLN B 191 0.41 -18.42 33.21
CA GLN B 191 0.60 -19.85 33.43
C GLN B 191 -0.61 -20.50 34.09
N GLU B 192 -1.36 -19.73 34.88
CA GLU B 192 -2.56 -20.23 35.53
C GLU B 192 -3.64 -20.32 34.45
N ALA B 193 -3.68 -19.28 33.62
CA ALA B 193 -4.66 -19.19 32.54
C ALA B 193 -4.53 -20.32 31.53
N VAL B 194 -3.31 -20.66 31.14
CA VAL B 194 -3.08 -21.72 30.16
C VAL B 194 -2.99 -23.12 30.73
N ALA B 195 -2.99 -23.21 32.06
CA ALA B 195 -2.89 -24.51 32.74
C ALA B 195 -3.95 -25.47 32.24
N GLY B 196 -3.51 -26.47 31.46
CA GLY B 196 -4.44 -27.45 30.92
C GLY B 196 -5.39 -26.92 29.88
N ALA B 197 -5.04 -25.81 29.21
CA ALA B 197 -5.89 -25.21 28.19
C ALA B 197 -5.75 -25.94 26.85
N ASP B 198 -6.87 -26.21 26.18
CA ASP B 198 -6.83 -26.89 24.89
C ASP B 198 -6.67 -25.95 23.71
N VAL B 199 -7.30 -24.78 23.81
CA VAL B 199 -7.18 -23.79 22.77
C VAL B 199 -6.78 -22.49 23.45
N ILE B 200 -5.78 -21.81 22.90
CA ILE B 200 -5.34 -20.54 23.47
C ILE B 200 -5.31 -19.45 22.42
N ILE B 201 -5.67 -18.24 22.83
CA ILE B 201 -5.69 -17.11 21.92
C ILE B 201 -4.85 -16.00 22.51
N THR B 202 -3.83 -15.59 21.77
CA THR B 202 -2.95 -14.51 22.22
C THR B 202 -3.20 -13.26 21.38
N VAL B 203 -3.82 -12.26 22.00
CA VAL B 203 -4.16 -11.01 21.32
C VAL B 203 -3.71 -9.80 22.14
N THR B 204 -2.40 -9.69 22.33
CA THR B 204 -1.85 -8.59 23.10
C THR B 204 -0.92 -7.73 22.25
N LEU B 205 -0.47 -6.62 22.80
CA LEU B 205 0.47 -5.73 22.12
C LEU B 205 1.85 -5.91 22.74
N ALA B 206 2.07 -7.06 23.37
CA ALA B 206 3.35 -7.35 24.00
C ALA B 206 4.43 -7.48 22.92
N THR B 207 5.66 -7.12 23.27
CA THR B 207 6.78 -7.22 22.33
C THR B 207 7.72 -8.32 22.79
N GLU B 208 7.62 -8.69 24.06
CA GLU B 208 8.45 -9.76 24.58
C GLU B 208 7.54 -10.92 24.93
N PRO B 209 8.05 -12.15 24.78
CA PRO B 209 7.28 -13.37 25.07
C PRO B 209 6.50 -13.32 26.38
N ILE B 210 5.23 -13.68 26.33
CA ILE B 210 4.42 -13.72 27.54
C ILE B 210 3.87 -15.13 27.72
N LEU B 211 3.98 -15.96 26.69
CA LEU B 211 3.51 -17.34 26.78
C LEU B 211 4.69 -18.26 26.55
N PHE B 212 4.99 -19.10 27.54
CA PHE B 212 6.12 -20.03 27.48
C PHE B 212 5.63 -21.47 27.29
N GLY B 213 6.17 -22.13 26.27
CA GLY B 213 5.78 -23.50 25.95
C GLY B 213 5.71 -24.46 27.12
N GLU B 214 6.59 -24.26 28.10
CA GLU B 214 6.64 -25.12 29.27
C GLU B 214 5.34 -25.16 30.08
N TRP B 215 4.44 -24.21 29.82
CA TRP B 215 3.17 -24.14 30.53
C TRP B 215 2.04 -24.69 29.68
N VAL B 216 2.35 -24.99 28.43
CA VAL B 216 1.33 -25.48 27.51
C VAL B 216 1.07 -26.97 27.50
N LYS B 217 -0.20 -27.31 27.58
CA LYS B 217 -0.64 -28.70 27.58
C LYS B 217 -0.43 -29.29 26.19
N PRO B 218 0.30 -30.41 26.11
CA PRO B 218 0.58 -31.08 24.84
C PRO B 218 -0.64 -31.28 23.96
N GLY B 219 -0.55 -30.77 22.74
CA GLY B 219 -1.65 -30.88 21.79
C GLY B 219 -2.53 -29.65 21.74
N ALA B 220 -2.23 -28.64 22.55
CA ALA B 220 -3.03 -27.43 22.57
C ALA B 220 -2.82 -26.62 21.29
N HIS B 221 -3.89 -25.97 20.82
CA HIS B 221 -3.81 -25.14 19.63
C HIS B 221 -3.76 -23.69 20.05
N ILE B 222 -2.78 -22.95 19.55
CA ILE B 222 -2.65 -21.55 19.91
C ILE B 222 -2.79 -20.63 18.71
N ASN B 223 -3.68 -19.66 18.84
CA ASN B 223 -3.88 -18.67 17.80
C ASN B 223 -3.03 -17.46 18.23
N ALA B 224 -1.89 -17.26 17.55
CA ALA B 224 -1.00 -16.15 17.87
C ALA B 224 -1.32 -14.96 16.98
N VAL B 225 -2.19 -14.09 17.48
CA VAL B 225 -2.64 -12.93 16.73
C VAL B 225 -1.84 -11.62 16.87
N GLY B 226 -1.22 -11.40 18.02
CA GLY B 226 -0.45 -10.18 18.20
C GLY B 226 0.97 -10.26 17.65
N ALA B 227 1.79 -9.27 17.99
CA ALA B 227 3.19 -9.23 17.55
C ALA B 227 3.33 -9.27 16.03
N SER B 228 2.72 -8.28 15.37
CA SER B 228 2.74 -8.21 13.91
C SER B 228 3.96 -7.43 13.40
N ARG B 229 4.95 -7.26 14.26
CA ARG B 229 6.23 -6.71 13.85
C ARG B 229 7.34 -7.75 13.99
N PRO B 230 8.39 -7.58 13.19
CA PRO B 230 9.43 -8.62 13.08
C PRO B 230 10.44 -8.54 14.22
N ASP B 231 10.18 -7.66 15.18
CA ASP B 231 10.99 -7.59 16.39
C ASP B 231 10.14 -7.72 17.65
N TRP B 232 8.91 -8.17 17.49
CA TRP B 232 8.00 -8.36 18.61
C TRP B 232 7.64 -9.82 18.79
N ARG B 233 7.48 -10.26 20.03
CA ARG B 233 7.17 -11.65 20.31
C ARG B 233 6.11 -11.78 21.39
N GLU B 234 5.36 -12.88 21.32
CA GLU B 234 4.34 -13.18 22.32
C GLU B 234 4.65 -14.59 22.80
N LEU B 235 5.28 -15.37 21.92
CA LEU B 235 5.61 -16.73 22.24
C LEU B 235 7.11 -16.96 22.44
N ASP B 236 7.41 -17.98 23.23
CA ASP B 236 8.76 -18.42 23.60
C ASP B 236 9.42 -19.26 22.53
N ASP B 237 10.72 -19.48 22.69
CA ASP B 237 11.46 -20.32 21.75
C ASP B 237 11.02 -21.77 21.87
N GLU B 238 10.75 -22.26 23.09
CA GLU B 238 10.34 -23.65 23.20
C GLU B 238 8.96 -23.89 22.64
N LEU B 239 8.05 -22.93 22.81
CA LEU B 239 6.71 -23.11 22.26
C LEU B 239 6.85 -23.10 20.73
N MET B 240 7.63 -22.15 20.22
CA MET B 240 7.86 -22.00 18.78
C MET B 240 8.60 -23.20 18.21
N LYS B 241 9.47 -23.75 19.04
CA LYS B 241 10.32 -24.89 18.75
C LYS B 241 9.53 -26.19 18.61
N GLU B 242 8.89 -26.53 19.72
CA GLU B 242 8.06 -27.73 19.89
C GLU B 242 6.85 -27.87 18.99
N ALA B 243 6.10 -26.79 18.83
CA ALA B 243 4.85 -26.81 18.07
C ALA B 243 4.92 -26.85 16.54
N VAL B 244 3.88 -27.41 15.92
CA VAL B 244 3.78 -27.48 14.46
C VAL B 244 3.23 -26.12 14.05
N LEU B 245 4.04 -25.39 13.29
CA LEU B 245 3.69 -24.03 12.88
C LEU B 245 2.88 -23.85 11.61
N TYR B 246 1.74 -23.17 11.76
CA TYR B 246 0.86 -22.84 10.64
C TYR B 246 0.72 -21.33 10.59
N VAL B 247 0.65 -20.78 9.39
CA VAL B 247 0.51 -19.33 9.23
C VAL B 247 -0.56 -19.03 8.20
N ASP B 248 -0.88 -17.76 8.03
CA ASP B 248 -1.86 -17.38 7.03
C ASP B 248 -1.11 -17.21 5.71
N SER B 249 0.04 -16.54 5.78
CA SER B 249 0.92 -16.30 4.62
C SER B 249 2.38 -16.49 5.01
N GLN B 250 3.08 -17.37 4.30
CA GLN B 250 4.48 -17.63 4.59
C GLN B 250 5.33 -16.38 4.35
N GLU B 251 5.13 -15.74 3.21
CA GLU B 251 5.88 -14.54 2.87
C GLU B 251 5.66 -13.45 3.90
N ALA B 252 4.44 -13.36 4.42
CA ALA B 252 4.10 -12.36 5.41
C ALA B 252 4.77 -12.70 6.74
N ALA B 253 4.69 -13.97 7.14
CA ALA B 253 5.29 -14.40 8.38
C ALA B 253 6.79 -14.14 8.35
N LEU B 254 7.43 -14.57 7.26
CA LEU B 254 8.87 -14.40 7.11
C LEU B 254 9.31 -12.94 7.06
N LYS B 255 8.35 -12.02 6.95
CA LYS B 255 8.68 -10.61 6.90
C LYS B 255 8.21 -9.84 8.12
N GLU B 256 7.15 -10.30 8.77
CA GLU B 256 6.58 -9.58 9.91
C GLU B 256 6.55 -10.26 11.27
N SER B 257 6.58 -11.58 11.32
CA SER B 257 6.49 -12.26 12.62
C SER B 257 7.79 -12.40 13.40
N GLY B 258 7.91 -11.62 14.46
CA GLY B 258 9.10 -11.73 15.29
C GLY B 258 9.12 -13.13 15.87
N ASP B 259 7.95 -13.64 16.24
CA ASP B 259 7.84 -14.98 16.81
C ASP B 259 8.39 -16.04 15.85
N VAL B 260 8.16 -15.87 14.56
CA VAL B 260 8.68 -16.83 13.58
C VAL B 260 10.16 -16.57 13.34
N LEU B 261 10.50 -15.31 13.11
CA LEU B 261 11.88 -14.89 12.82
C LEU B 261 12.89 -15.09 13.96
N LEU B 262 12.67 -14.39 15.07
CA LEU B 262 13.58 -14.49 16.21
C LEU B 262 13.76 -15.91 16.76
N SER B 263 12.81 -16.80 16.48
CA SER B 263 12.91 -18.19 16.96
C SER B 263 13.47 -19.12 15.89
N GLY B 264 13.45 -18.64 14.65
CA GLY B 264 13.96 -19.44 13.56
C GLY B 264 13.13 -20.69 13.35
N ALA B 265 11.86 -20.65 13.72
CA ALA B 265 10.98 -21.80 13.56
C ALA B 265 10.73 -22.02 12.08
N GLU B 266 10.44 -23.27 11.71
CA GLU B 266 10.18 -23.59 10.32
C GLU B 266 8.68 -23.71 10.07
N ILE B 267 8.20 -22.94 9.10
CA ILE B 267 6.78 -22.93 8.74
C ILE B 267 6.38 -24.28 8.15
N PHE B 268 5.40 -24.93 8.78
CA PHE B 268 4.94 -26.21 8.27
C PHE B 268 3.97 -26.05 7.08
N ALA B 269 3.01 -25.14 7.22
CA ALA B 269 2.03 -24.92 6.15
C ALA B 269 1.19 -23.66 6.33
N GLU B 270 0.45 -23.34 5.28
CA GLU B 270 -0.43 -22.18 5.28
C GLU B 270 -1.83 -22.71 5.60
N LEU B 271 -2.59 -21.95 6.37
CA LEU B 271 -3.94 -22.37 6.71
C LEU B 271 -4.73 -22.69 5.45
N GLY B 272 -4.48 -21.93 4.38
CA GLY B 272 -5.17 -22.16 3.13
C GLY B 272 -4.90 -23.56 2.59
N GLU B 273 -3.66 -24.04 2.75
CA GLU B 273 -3.31 -25.37 2.28
C GLU B 273 -4.12 -26.43 3.01
N VAL B 274 -4.19 -26.29 4.33
CA VAL B 274 -4.94 -27.21 5.17
C VAL B 274 -6.40 -27.23 4.75
N ILE B 275 -7.00 -26.05 4.64
CA ILE B 275 -8.40 -25.93 4.25
C ILE B 275 -8.71 -26.75 3.01
N LYS B 276 -7.88 -26.61 1.98
CA LYS B 276 -8.09 -27.34 0.73
C LYS B 276 -7.65 -28.81 0.79
N GLY B 277 -6.80 -29.15 1.76
CA GLY B 277 -6.39 -30.54 1.91
C GLY B 277 -5.00 -30.93 1.44
N VAL B 278 -4.23 -29.98 0.91
CA VAL B 278 -2.90 -30.33 0.44
C VAL B 278 -1.90 -30.47 1.58
N LYS B 279 -2.21 -29.90 2.74
CA LYS B 279 -1.34 -30.01 3.92
C LYS B 279 -2.14 -30.62 5.06
N PRO B 280 -1.50 -31.46 5.87
CA PRO B 280 -2.17 -32.12 7.01
C PRO B 280 -2.35 -31.25 8.24
N ALA B 281 -3.40 -31.55 9.00
CA ALA B 281 -3.70 -30.83 10.23
C ALA B 281 -3.30 -31.69 11.42
N HIS B 282 -2.10 -31.48 11.93
CA HIS B 282 -1.63 -32.25 13.09
C HIS B 282 -2.30 -31.71 14.35
N CYS B 283 -3.61 -31.86 14.44
CA CYS B 283 -4.33 -31.36 15.62
C CYS B 283 -4.09 -32.14 16.90
N GLU B 284 -3.41 -33.28 16.82
CA GLU B 284 -3.11 -34.09 18.00
C GLU B 284 -1.81 -33.59 18.62
N LYS B 285 -1.07 -32.78 17.85
CA LYS B 285 0.20 -32.24 18.32
C LYS B 285 0.00 -30.78 18.71
N THR B 286 0.92 -30.24 19.51
CA THR B 286 0.80 -28.84 19.91
C THR B 286 0.97 -28.02 18.63
N THR B 287 -0.02 -27.21 18.33
CA THR B 287 0.00 -26.41 17.12
C THR B 287 -0.03 -24.91 17.39
N VAL B 288 0.49 -24.15 16.43
CA VAL B 288 0.46 -22.71 16.57
C VAL B 288 0.08 -22.11 15.22
N PHE B 289 -0.96 -21.28 15.24
CA PHE B 289 -1.37 -20.61 14.03
C PHE B 289 -0.93 -19.15 14.19
N LYS B 290 0.06 -18.75 13.40
CA LYS B 290 0.53 -17.37 13.47
C LYS B 290 -0.28 -16.57 12.47
N SER B 291 -1.12 -15.67 12.99
CA SER B 291 -1.96 -14.85 12.14
C SER B 291 -1.38 -13.45 12.05
N LEU B 292 -1.26 -12.95 10.83
CA LEU B 292 -0.72 -11.61 10.62
C LEU B 292 -1.76 -10.70 10.01
N GLY B 293 -2.75 -11.32 9.37
CA GLY B 293 -3.80 -10.58 8.70
C GLY B 293 -3.38 -10.48 7.25
N MET B 294 -4.34 -10.63 6.33
CA MET B 294 -4.05 -10.55 4.91
C MET B 294 -5.08 -9.66 4.24
N ALA B 295 -4.64 -8.93 3.22
CA ALA B 295 -5.50 -8.02 2.47
C ALA B 295 -6.78 -8.67 1.97
N VAL B 296 -6.64 -9.83 1.34
CA VAL B 296 -7.78 -10.57 0.79
C VAL B 296 -8.89 -10.85 1.83
N GLU B 297 -8.50 -10.98 3.10
CA GLU B 297 -9.47 -11.21 4.15
C GLU B 297 -10.35 -9.97 4.31
N ASP B 298 -9.77 -8.81 4.07
CA ASP B 298 -10.50 -7.56 4.17
C ASP B 298 -11.29 -7.35 2.90
N THR B 299 -10.77 -7.88 1.79
CA THR B 299 -11.41 -7.77 0.51
C THR B 299 -12.77 -8.49 0.52
N VAL B 300 -12.78 -9.76 0.91
CA VAL B 300 -14.03 -10.51 0.93
C VAL B 300 -15.05 -9.83 1.84
N ALA B 301 -14.60 -9.29 2.96
CA ALA B 301 -15.53 -8.62 3.87
C ALA B 301 -16.03 -7.31 3.27
N ALA B 302 -15.11 -6.46 2.82
CA ALA B 302 -15.47 -5.17 2.23
C ALA B 302 -16.51 -5.37 1.15
N LYS B 303 -16.27 -6.38 0.30
CA LYS B 303 -17.16 -6.72 -0.80
C LYS B 303 -18.55 -7.08 -0.31
N LEU B 304 -18.61 -8.07 0.58
CA LEU B 304 -19.87 -8.51 1.15
C LEU B 304 -20.69 -7.32 1.61
N ILE B 305 -20.04 -6.47 2.41
CA ILE B 305 -20.64 -5.28 2.97
C ILE B 305 -21.11 -4.30 1.89
N TYR B 306 -20.25 -4.02 0.92
CA TYR B 306 -20.61 -3.07 -0.11
C TYR B 306 -21.82 -3.53 -0.93
N ASP B 307 -21.91 -4.83 -1.18
CA ASP B 307 -23.04 -5.36 -1.94
C ASP B 307 -24.30 -5.18 -1.12
N SER B 308 -24.21 -5.57 0.14
CA SER B 308 -25.33 -5.46 1.06
C SER B 308 -25.80 -4.02 1.12
N TRP B 309 -24.85 -3.11 1.24
CA TRP B 309 -25.13 -1.69 1.33
C TRP B 309 -25.76 -1.21 0.05
N SER B 310 -25.16 -1.67 -1.05
CA SER B 310 -25.57 -1.35 -2.41
C SER B 310 -27.00 -1.80 -2.71
N SER B 311 -27.44 -2.88 -2.09
CA SER B 311 -28.78 -3.43 -2.33
C SER B 311 -29.91 -2.42 -2.11
N GLY B 312 -29.65 -1.33 -1.38
CA GLY B 312 -30.68 -0.34 -1.14
C GLY B 312 -30.52 0.93 -1.94
#